data_3V8O
#
_entry.id   3V8O
#
_cell.length_a   63.620
_cell.length_b   91.350
_cell.length_c   103.720
_cell.angle_alpha   90.00
_cell.angle_beta   90.00
_cell.angle_gamma   90.00
#
_symmetry.space_group_name_H-M   'P 21 21 21'
#
loop_
_entity.id
_entity.type
_entity.pdbx_description
1 polymer Filamin-C
2 non-polymer 'POTASSIUM ION'
3 water water
#
_entity_poly.entity_id   1
_entity_poly.type   'polypeptide(L)'
_entity_poly.pdbx_seq_one_letter_code
;QAGVQKVRAWGPGLETGQVGKSADFVVEAIGTEVGTLGFSIEGPSQAKIECDDKGDGSCDVRYWPTEPGEYAVHVICDDE
DIRDSPFIAHILPAPPDCFPDKVKAFGPGLEPTGCIVDKPAEFTIDARAAGKGDLKLYAQDADGCPIDIKVIPNGDGTFR
CSYVPTKPIKHTIIISWGGVNVPKSPFRVNVGEG
;
_entity_poly.pdbx_strand_id   A,B
#
# COMPACT_ATOMS: atom_id res chain seq x y z
N GLN A 1 0.94 -14.35 13.49
CA GLN A 1 0.63 -13.62 12.26
C GLN A 1 1.03 -12.15 12.37
N ALA A 2 2.15 -11.90 13.05
CA ALA A 2 2.65 -10.54 13.23
C ALA A 2 3.60 -10.15 12.10
N GLY A 3 3.71 -11.02 11.10
CA GLY A 3 4.59 -10.76 9.94
C GLY A 3 3.96 -10.62 8.56
N VAL A 4 2.64 -10.82 8.50
CA VAL A 4 1.88 -10.87 7.24
C VAL A 4 0.71 -9.85 7.24
N GLN A 5 0.49 -9.17 6.09
CA GLN A 5 -0.69 -8.27 5.98
C GLN A 5 -1.94 -8.90 5.36
N LYS A 6 -2.88 -9.22 6.24
CA LYS A 6 -4.08 -9.95 5.87
C LYS A 6 -4.89 -9.30 4.72
N VAL A 7 -4.96 -7.97 4.64
CA VAL A 7 -5.91 -7.29 3.72
C VAL A 7 -5.34 -6.11 2.94
N ARG A 8 -5.68 -5.99 1.66
CA ARG A 8 -5.19 -4.90 0.84
C ARG A 8 -6.37 -4.20 0.16
N ALA A 9 -6.39 -2.87 0.21
CA ALA A 9 -7.31 -2.09 -0.64
C ALA A 9 -6.54 -1.17 -1.55
N TRP A 10 -6.94 -1.09 -2.80
CA TRP A 10 -6.28 -0.19 -3.75
C TRP A 10 -7.22 0.10 -4.91
N GLY A 11 -6.96 1.24 -5.56
CA GLY A 11 -7.73 1.73 -6.71
C GLY A 11 -8.11 3.18 -6.68
N PRO A 12 -8.77 3.65 -7.74
CA PRO A 12 -8.99 5.07 -7.84
C PRO A 12 -9.93 5.63 -6.75
N GLY A 13 -10.97 4.89 -6.42
CA GLY A 13 -11.95 5.41 -5.45
C GLY A 13 -11.36 5.72 -4.08
N LEU A 14 -10.17 5.17 -3.83
CA LEU A 14 -9.44 5.45 -2.61
C LEU A 14 -8.78 6.81 -2.57
N GLU A 15 -8.79 7.52 -3.68
CA GLU A 15 -7.95 8.67 -3.84
C GLU A 15 -8.78 9.84 -4.46
N THR A 16 -9.82 9.52 -5.24
CA THR A 16 -10.37 10.50 -6.14
C THR A 16 -11.64 10.01 -6.78
N GLY A 17 -12.32 10.90 -7.51
CA GLY A 17 -13.47 10.56 -8.32
C GLY A 17 -14.34 11.76 -8.68
N GLN A 18 -15.61 11.55 -9.05
CA GLN A 18 -16.43 12.61 -9.60
C GLN A 18 -17.88 12.45 -9.17
N VAL A 19 -18.44 13.56 -8.71
CA VAL A 19 -19.82 13.60 -8.33
C VAL A 19 -20.68 12.99 -9.43
N GLY A 20 -21.55 12.05 -9.04
CA GLY A 20 -22.48 11.42 -9.95
C GLY A 20 -21.97 10.17 -10.69
N LYS A 21 -20.66 9.99 -10.64
CA LYS A 21 -20.07 8.79 -11.14
C LYS A 21 -19.67 7.86 -9.92
N SER A 22 -19.43 6.57 -10.12
CA SER A 22 -19.04 5.80 -8.96
C SER A 22 -17.55 5.88 -8.71
N ALA A 23 -17.20 5.82 -7.42
CA ALA A 23 -15.81 5.76 -6.94
C ALA A 23 -15.46 4.29 -6.61
N ASP A 24 -14.47 3.68 -7.26
CA ASP A 24 -14.36 2.23 -7.26
C ASP A 24 -12.99 1.89 -6.80
N PHE A 25 -12.87 0.74 -6.12
CA PHE A 25 -11.60 0.21 -5.80
C PHE A 25 -11.70 -1.28 -5.59
N VAL A 26 -10.59 -1.90 -5.18
CA VAL A 26 -10.49 -3.35 -5.06
C VAL A 26 -9.92 -3.65 -3.69
N VAL A 27 -10.42 -4.74 -3.09
CA VAL A 27 -9.98 -5.26 -1.78
C VAL A 27 -9.67 -6.74 -1.93
N GLU A 28 -8.46 -7.11 -1.57
CA GLU A 28 -7.96 -8.48 -1.57
C GLU A 28 -7.74 -8.94 -0.13
N ALA A 29 -8.27 -10.12 0.18
CA ALA A 29 -8.10 -10.70 1.50
C ALA A 29 -7.32 -12.00 1.39
N ILE A 30 -6.28 -12.17 2.21
CA ILE A 30 -5.61 -13.49 2.34
C ILE A 30 -6.02 -14.22 3.65
N GLY A 31 -5.83 -13.56 4.80
CA GLY A 31 -6.08 -14.16 6.12
C GLY A 31 -7.53 -14.56 6.36
N THR A 32 -8.40 -13.57 6.59
CA THR A 32 -9.83 -13.82 6.88
C THR A 32 -10.67 -13.74 5.58
N GLU A 33 -11.91 -14.22 5.64
CA GLU A 33 -12.84 -14.31 4.47
C GLU A 33 -13.29 -12.90 4.02
N VAL A 34 -13.79 -12.76 2.78
CA VAL A 34 -14.06 -11.40 2.21
C VAL A 34 -15.26 -10.66 2.87
N GLY A 35 -16.36 -11.36 3.16
CA GLY A 35 -17.45 -10.79 3.96
C GLY A 35 -17.17 -10.56 5.46
N THR A 36 -15.97 -10.88 5.96
CA THR A 36 -15.48 -10.51 7.34
C THR A 36 -15.22 -8.99 7.56
N LEU A 37 -15.25 -8.26 6.44
CA LEU A 37 -14.78 -6.88 6.39
C LEU A 37 -15.93 -5.94 6.45
N GLY A 38 -15.67 -4.76 7.02
CA GLY A 38 -16.60 -3.66 6.99
C GLY A 38 -16.05 -2.50 6.19
N PHE A 39 -16.96 -1.63 5.78
CA PHE A 39 -16.67 -0.37 5.15
C PHE A 39 -17.52 0.72 5.72
N SER A 40 -16.92 1.88 5.93
CA SER A 40 -17.75 3.04 6.10
C SER A 40 -17.14 4.25 5.44
N ILE A 41 -18.01 5.23 5.22
CA ILE A 41 -17.70 6.42 4.49
C ILE A 41 -18.01 7.60 5.37
N GLU A 42 -17.06 8.51 5.46
CA GLU A 42 -17.28 9.81 6.11
C GLU A 42 -17.09 10.91 5.08
N GLY A 43 -18.14 11.72 4.87
CA GLY A 43 -18.01 12.84 3.96
C GLY A 43 -19.24 13.68 3.81
N PRO A 44 -19.20 14.65 2.89
CA PRO A 44 -20.32 15.57 2.73
C PRO A 44 -21.58 14.97 2.09
N SER A 45 -21.59 13.69 1.77
CA SER A 45 -22.81 13.05 1.36
C SER A 45 -22.85 11.68 1.98
N GLN A 46 -24.06 11.15 2.16
CA GLN A 46 -24.17 9.86 2.74
C GLN A 46 -24.08 8.90 1.59
N ALA A 47 -22.89 8.84 1.00
CA ALA A 47 -22.60 7.85 -0.04
C ALA A 47 -22.88 6.43 0.46
N LYS A 48 -23.58 5.65 -0.34
CA LYS A 48 -23.92 4.27 0.04
C LYS A 48 -22.80 3.34 -0.47
N ILE A 49 -22.05 2.72 0.44
CA ILE A 49 -20.90 1.90 0.01
C ILE A 49 -21.29 0.44 -0.27
N GLU A 50 -20.77 -0.15 -1.34
CA GLU A 50 -21.25 -1.51 -1.68
C GLU A 50 -20.20 -2.55 -2.16
N CYS A 51 -20.04 -3.60 -1.35
CA CYS A 51 -19.07 -4.66 -1.62
C CYS A 51 -19.62 -5.74 -2.57
N ASP A 52 -18.82 -6.14 -3.55
CA ASP A 52 -19.31 -7.11 -4.54
C ASP A 52 -18.30 -8.28 -4.74
N ASP A 53 -18.53 -9.35 -3.99
CA ASP A 53 -17.61 -10.48 -3.90
C ASP A 53 -17.37 -11.21 -5.23
N LYS A 54 -16.11 -11.36 -5.60
CA LYS A 54 -15.78 -12.01 -6.89
C LYS A 54 -15.52 -13.53 -6.75
N GLY A 55 -15.50 -14.03 -5.52
CA GLY A 55 -15.32 -15.47 -5.28
C GLY A 55 -13.89 -15.97 -5.23
N ASP A 56 -12.93 -15.15 -5.66
CA ASP A 56 -11.51 -15.55 -5.75
C ASP A 56 -10.62 -14.96 -4.65
N GLY A 57 -11.24 -14.45 -3.58
CA GLY A 57 -10.50 -13.86 -2.47
C GLY A 57 -10.47 -12.34 -2.52
N SER A 58 -11.26 -11.77 -3.44
CA SER A 58 -11.26 -10.32 -3.70
C SER A 58 -12.65 -9.82 -4.05
N CYS A 59 -12.84 -8.50 -3.94
CA CYS A 59 -14.11 -7.90 -4.38
C CYS A 59 -13.98 -6.53 -5.01
N ASP A 60 -14.99 -6.16 -5.78
CA ASP A 60 -15.09 -4.80 -6.31
C ASP A 60 -15.93 -4.00 -5.32
N VAL A 61 -15.35 -3.01 -4.68
CA VAL A 61 -16.10 -2.11 -3.80
C VAL A 61 -16.35 -0.81 -4.56
N ARG A 62 -17.56 -0.26 -4.47
CA ARG A 62 -17.80 1.06 -5.01
C ARG A 62 -18.81 1.86 -4.26
N TYR A 63 -18.61 3.19 -4.18
CA TYR A 63 -19.59 4.09 -3.60
C TYR A 63 -19.98 5.29 -4.54
N TRP A 64 -21.01 6.05 -4.15
CA TRP A 64 -21.47 7.18 -4.97
C TRP A 64 -21.51 8.48 -4.18
N PRO A 65 -20.48 9.31 -4.35
CA PRO A 65 -20.43 10.62 -3.70
C PRO A 65 -21.25 11.64 -4.47
N THR A 66 -22.38 12.04 -3.92
CA THR A 66 -23.29 12.95 -4.60
C THR A 66 -22.91 14.40 -4.26
N GLU A 67 -21.76 14.60 -3.63
CA GLU A 67 -21.31 15.96 -3.23
C GLU A 67 -19.82 16.07 -3.34
N PRO A 68 -19.32 17.20 -3.85
CA PRO A 68 -17.87 17.35 -4.04
C PRO A 68 -17.17 17.43 -2.69
N GLY A 69 -15.93 16.99 -2.61
CA GLY A 69 -15.20 17.19 -1.37
C GLY A 69 -14.43 16.01 -0.83
N GLU A 70 -14.10 16.08 0.45
CA GLU A 70 -13.13 15.15 1.00
C GLU A 70 -13.86 14.05 1.76
N TYR A 71 -13.66 12.80 1.35
CA TYR A 71 -14.31 11.65 2.03
C TYR A 71 -13.27 10.78 2.72
N ALA A 72 -13.64 10.21 3.85
CA ALA A 72 -12.74 9.24 4.47
C ALA A 72 -13.25 7.83 4.23
N VAL A 73 -12.47 7.02 3.54
CA VAL A 73 -12.87 5.61 3.28
C VAL A 73 -12.23 4.66 4.30
N HIS A 74 -13.07 4.03 5.09
CA HIS A 74 -12.61 3.09 6.09
C HIS A 74 -12.78 1.64 5.63
N VAL A 75 -11.70 0.87 5.66
CA VAL A 75 -11.73 -0.56 5.39
C VAL A 75 -11.28 -1.26 6.66
N ILE A 76 -12.18 -2.06 7.22
CA ILE A 76 -12.06 -2.66 8.57
C ILE A 76 -11.92 -4.18 8.58
N CYS A 77 -10.97 -4.70 9.35
CA CYS A 77 -10.80 -6.15 9.56
C CYS A 77 -10.82 -6.35 11.06
N ASP A 78 -11.92 -6.93 11.57
CA ASP A 78 -12.11 -7.13 13.03
C ASP A 78 -12.01 -5.82 13.80
N ASP A 79 -12.85 -4.85 13.41
CA ASP A 79 -13.03 -3.58 14.16
C ASP A 79 -11.85 -2.59 14.21
N GLU A 80 -10.86 -2.94 13.41
CA GLU A 80 -9.67 -2.17 13.22
C GLU A 80 -9.53 -1.90 11.74
N ASP A 81 -9.05 -0.70 11.42
CA ASP A 81 -8.67 -0.28 10.11
C ASP A 81 -7.51 -1.13 9.65
N ILE A 82 -7.33 -1.31 8.35
CA ILE A 82 -6.21 -2.06 7.88
C ILE A 82 -5.04 -1.10 7.78
N ARG A 83 -3.93 -1.47 7.15
CA ARG A 83 -2.75 -0.61 7.27
C ARG A 83 -3.05 0.86 7.02
N ASP A 84 -3.41 1.19 5.79
CA ASP A 84 -3.53 2.58 5.35
C ASP A 84 -4.95 3.16 5.46
N SER A 85 -5.78 2.57 6.31
CA SER A 85 -7.11 3.10 6.54
C SER A 85 -7.06 4.06 7.73
N PRO A 86 -7.71 5.22 7.61
CA PRO A 86 -8.48 5.57 6.44
C PRO A 86 -7.67 6.13 5.30
N PHE A 87 -8.38 6.11 4.25
CA PHE A 87 -8.07 6.64 2.94
C PHE A 87 -8.75 7.99 2.73
N ILE A 88 -8.09 9.05 2.47
CA ILE A 88 -8.74 10.30 2.09
C ILE A 88 -8.88 10.44 0.58
N ALA A 89 -10.12 10.55 0.10
CA ALA A 89 -10.39 10.73 -1.31
C ALA A 89 -10.98 12.11 -1.54
N HIS A 90 -10.46 12.85 -2.52
CA HIS A 90 -11.07 14.13 -2.88
C HIS A 90 -11.95 13.95 -4.14
N ILE A 91 -13.28 13.92 -3.94
CA ILE A 91 -14.23 13.87 -5.04
C ILE A 91 -14.44 15.24 -5.73
N LEU A 92 -14.39 15.24 -7.06
CA LEU A 92 -14.48 16.47 -7.84
C LEU A 92 -15.87 16.68 -8.42
N PRO A 93 -16.22 17.93 -8.71
CA PRO A 93 -17.46 18.17 -9.42
C PRO A 93 -17.36 17.56 -10.80
N ALA A 94 -18.49 17.14 -11.36
CA ALA A 94 -18.46 16.47 -12.64
C ALA A 94 -18.13 17.48 -13.73
N PRO A 95 -17.04 17.26 -14.47
CA PRO A 95 -16.78 18.18 -15.57
C PRO A 95 -17.79 17.91 -16.68
N PRO A 96 -18.21 18.97 -17.37
CA PRO A 96 -19.18 18.77 -18.41
C PRO A 96 -18.60 18.10 -19.67
N ASP A 97 -17.29 17.94 -19.72
CA ASP A 97 -16.60 17.45 -20.93
C ASP A 97 -15.80 16.15 -20.72
N CYS A 98 -16.12 15.41 -19.66
CA CYS A 98 -15.41 14.17 -19.35
C CYS A 98 -16.38 13.03 -19.38
N PHE A 99 -16.05 11.94 -20.09
CA PHE A 99 -16.96 10.80 -20.24
C PHE A 99 -16.32 9.43 -20.02
N PRO A 100 -16.21 9.03 -18.73
CA PRO A 100 -15.44 7.84 -18.45
C PRO A 100 -16.08 6.60 -18.99
N ASP A 101 -17.40 6.59 -19.07
CA ASP A 101 -18.15 5.42 -19.57
C ASP A 101 -17.90 5.14 -21.03
N LYS A 102 -17.35 6.14 -21.72
CA LYS A 102 -17.15 6.01 -23.14
C LYS A 102 -15.81 5.41 -23.41
N VAL A 103 -14.90 5.40 -22.44
CA VAL A 103 -13.60 4.81 -22.68
C VAL A 103 -13.78 3.31 -22.95
N LYS A 104 -13.09 2.77 -23.94
CA LYS A 104 -13.15 1.34 -24.12
C LYS A 104 -11.76 0.73 -24.16
N ALA A 105 -11.56 -0.37 -23.47
CA ALA A 105 -10.23 -0.92 -23.29
C ALA A 105 -10.27 -2.39 -23.59
N PHE A 106 -9.32 -2.91 -24.34
CA PHE A 106 -9.48 -4.31 -24.84
C PHE A 106 -8.17 -4.82 -25.40
N GLY A 107 -8.02 -6.14 -25.49
CA GLY A 107 -6.73 -6.73 -25.83
C GLY A 107 -6.51 -8.03 -25.11
N PRO A 108 -5.64 -8.89 -25.67
CA PRO A 108 -5.28 -10.14 -25.01
C PRO A 108 -4.82 -9.93 -23.56
N GLY A 109 -4.22 -8.78 -23.23
CA GLY A 109 -3.66 -8.57 -21.91
C GLY A 109 -4.66 -8.17 -20.84
N LEU A 110 -5.93 -8.20 -21.18
CA LEU A 110 -6.98 -7.83 -20.28
C LEU A 110 -7.98 -8.93 -20.21
N GLU A 111 -7.70 -10.02 -20.93
CA GLU A 111 -8.61 -11.18 -21.01
C GLU A 111 -8.43 -12.07 -19.79
N PRO A 112 -9.55 -12.65 -19.30
CA PRO A 112 -9.50 -13.54 -18.12
C PRO A 112 -8.46 -14.65 -18.27
N THR A 113 -8.22 -15.05 -19.51
CA THR A 113 -7.55 -16.30 -19.87
C THR A 113 -6.62 -16.12 -21.07
N GLY A 114 -5.50 -16.84 -21.08
CA GLY A 114 -4.61 -16.87 -22.24
C GLY A 114 -3.25 -16.23 -22.06
N CYS A 115 -3.08 -15.45 -21.01
CA CYS A 115 -1.84 -14.72 -20.85
C CYS A 115 -0.81 -15.63 -20.23
N ILE A 116 0.43 -15.60 -20.72
CA ILE A 116 1.41 -16.49 -20.13
C ILE A 116 2.69 -15.82 -19.69
N VAL A 117 3.30 -16.35 -18.62
CA VAL A 117 4.48 -15.79 -17.97
C VAL A 117 5.57 -15.40 -18.94
N ASP A 118 6.32 -14.37 -18.60
CA ASP A 118 7.49 -13.94 -19.35
C ASP A 118 7.25 -13.51 -20.83
N LYS A 119 5.99 -13.49 -21.25
CA LYS A 119 5.64 -12.95 -22.56
C LYS A 119 4.78 -11.66 -22.46
N PRO A 120 4.95 -10.71 -23.42
CA PRO A 120 4.21 -9.47 -23.41
C PRO A 120 2.66 -9.60 -23.44
N ALA A 121 2.02 -9.02 -22.43
CA ALA A 121 0.59 -8.92 -22.34
C ALA A 121 0.21 -7.55 -22.88
N GLU A 122 -0.53 -7.50 -24.00
CA GLU A 122 -0.79 -6.23 -24.69
C GLU A 122 -2.25 -5.84 -24.70
N PHE A 123 -2.54 -4.54 -24.66
CA PHE A 123 -3.92 -4.10 -24.87
C PHE A 123 -3.99 -2.69 -25.34
N THR A 124 -5.16 -2.28 -25.81
CA THR A 124 -5.26 -0.89 -26.19
C THR A 124 -6.31 -0.11 -25.37
N ILE A 125 -6.14 1.19 -25.28
CA ILE A 125 -7.18 1.97 -24.66
C ILE A 125 -7.60 3.01 -25.63
N ASP A 126 -8.91 3.09 -25.87
CA ASP A 126 -9.46 4.01 -26.84
C ASP A 126 -10.28 5.01 -26.09
N ALA A 127 -9.76 6.22 -25.92
CA ALA A 127 -10.55 7.25 -25.30
C ALA A 127 -11.10 8.30 -26.27
N ARG A 128 -11.20 8.00 -27.55
CA ARG A 128 -11.70 8.98 -28.50
C ARG A 128 -13.08 9.52 -28.23
N ALA A 129 -13.91 8.77 -27.54
CA ALA A 129 -15.27 9.25 -27.24
C ALA A 129 -15.38 9.86 -25.82
N ALA A 130 -14.24 9.90 -25.14
CA ALA A 130 -14.22 10.10 -23.72
C ALA A 130 -13.94 11.52 -23.21
N GLY A 131 -13.78 12.46 -24.13
CA GLY A 131 -13.64 13.87 -23.77
C GLY A 131 -12.35 14.11 -23.05
N LYS A 132 -12.24 15.25 -22.39
CA LYS A 132 -11.01 15.65 -21.73
C LYS A 132 -10.84 14.91 -20.41
N GLY A 133 -9.75 14.15 -20.26
CA GLY A 133 -9.37 13.54 -18.96
C GLY A 133 -7.95 13.01 -18.82
N ASP A 134 -7.57 12.69 -17.60
CA ASP A 134 -6.30 12.04 -17.31
C ASP A 134 -6.45 10.55 -17.31
N LEU A 135 -5.51 9.87 -17.95
CA LEU A 135 -5.43 8.40 -17.92
C LEU A 135 -4.63 7.97 -16.70
N LYS A 136 -5.14 7.03 -15.92
CA LYS A 136 -4.33 6.55 -14.82
C LYS A 136 -4.64 5.11 -14.64
N LEU A 137 -3.61 4.28 -14.51
CA LEU A 137 -3.79 2.84 -14.36
C LEU A 137 -3.26 2.38 -13.00
N TYR A 138 -4.01 1.53 -12.30
CA TYR A 138 -3.52 0.92 -11.06
C TYR A 138 -3.50 -0.56 -11.31
N ALA A 139 -2.46 -1.23 -10.86
CA ALA A 139 -2.27 -2.62 -11.23
C ALA A 139 -1.44 -3.42 -10.20
N GLN A 140 -2.01 -4.54 -9.76
CA GLN A 140 -1.34 -5.42 -8.81
C GLN A 140 -1.54 -6.87 -9.14
N ASP A 141 -0.53 -7.69 -8.84
CA ASP A 141 -0.77 -9.12 -8.79
C ASP A 141 -1.38 -9.56 -7.44
N ALA A 142 -1.79 -10.82 -7.38
CA ALA A 142 -2.39 -11.38 -6.17
C ALA A 142 -1.43 -11.48 -4.99
N ASP A 143 -0.14 -11.51 -5.26
CA ASP A 143 0.80 -11.47 -4.18
C ASP A 143 0.96 -10.05 -3.68
N GLY A 144 0.17 -9.11 -4.18
CA GLY A 144 0.28 -7.71 -3.76
C GLY A 144 1.35 -6.89 -4.45
N CYS A 145 2.04 -7.46 -5.42
CA CYS A 145 3.07 -6.66 -6.11
C CYS A 145 2.57 -5.72 -7.19
N PRO A 146 3.10 -4.51 -7.23
CA PRO A 146 2.73 -3.58 -8.27
C PRO A 146 3.11 -4.15 -9.62
N ILE A 147 2.27 -3.90 -10.63
CA ILE A 147 2.62 -4.25 -12.02
C ILE A 147 2.86 -2.99 -12.85
N ASP A 148 4.02 -2.91 -13.46
CA ASP A 148 4.37 -1.73 -14.26
C ASP A 148 3.85 -1.89 -15.67
N ILE A 149 2.94 -1.01 -16.02
CA ILE A 149 2.40 -1.05 -17.37
C ILE A 149 3.04 0.02 -18.19
N LYS A 150 3.64 -0.39 -19.31
CA LYS A 150 4.05 0.57 -20.34
C LYS A 150 2.81 1.17 -21.07
N VAL A 151 2.64 2.49 -21.04
CA VAL A 151 1.55 3.10 -21.78
C VAL A 151 2.01 4.16 -22.76
N ILE A 152 1.88 3.87 -24.06
CA ILE A 152 2.26 4.86 -25.07
C ILE A 152 1.08 5.43 -25.83
N PRO A 153 0.84 6.73 -25.65
CA PRO A 153 -0.19 7.39 -26.46
C PRO A 153 0.19 7.40 -27.94
N ASN A 154 -0.67 6.82 -28.78
CA ASN A 154 -0.51 6.92 -30.22
C ASN A 154 -0.65 8.33 -30.75
N GLY A 155 -1.31 9.21 -29.97
CA GLY A 155 -1.52 10.61 -30.37
C GLY A 155 -2.96 10.91 -30.65
N ASP A 156 -3.67 9.95 -31.26
CA ASP A 156 -5.06 10.10 -31.71
C ASP A 156 -6.12 9.81 -30.67
N GLY A 157 -5.71 9.64 -29.42
CA GLY A 157 -6.69 9.33 -28.39
C GLY A 157 -6.69 7.84 -28.04
N THR A 158 -5.63 7.16 -28.41
CA THR A 158 -5.56 5.70 -28.40
C THR A 158 -4.24 5.40 -27.78
N PHE A 159 -4.13 4.28 -27.08
CA PHE A 159 -2.93 3.98 -26.28
C PHE A 159 -2.49 2.55 -26.43
N ARG A 160 -1.20 2.29 -26.67
CA ARG A 160 -0.66 0.93 -26.65
C ARG A 160 -0.18 0.69 -25.26
N CYS A 161 -0.59 -0.42 -24.69
CA CYS A 161 -0.14 -0.75 -23.36
C CYS A 161 0.37 -2.16 -23.34
N SER A 162 1.30 -2.41 -22.42
CA SER A 162 1.86 -3.71 -22.23
C SER A 162 2.52 -3.90 -20.87
N TYR A 163 2.56 -5.15 -20.44
CA TYR A 163 3.30 -5.56 -19.27
C TYR A 163 3.84 -6.97 -19.45
N VAL A 164 4.88 -7.33 -18.71
CA VAL A 164 5.29 -8.75 -18.72
C VAL A 164 5.05 -9.34 -17.33
N PRO A 165 4.01 -10.16 -17.23
CA PRO A 165 3.72 -10.84 -16.00
C PRO A 165 4.88 -11.75 -15.68
N THR A 166 5.14 -11.93 -14.40
CA THR A 166 6.33 -12.62 -14.00
C THR A 166 6.11 -13.98 -13.34
N LYS A 167 4.85 -14.28 -13.01
CA LYS A 167 4.43 -15.44 -12.25
C LYS A 167 3.04 -15.86 -12.73
N PRO A 168 2.72 -17.17 -12.64
CA PRO A 168 1.46 -17.65 -13.17
C PRO A 168 0.29 -17.39 -12.25
N ILE A 169 0.11 -16.15 -11.85
CA ILE A 169 -0.93 -15.83 -10.87
C ILE A 169 -1.82 -14.70 -11.38
N LYS A 170 -2.88 -14.38 -10.63
CA LYS A 170 -3.83 -13.33 -11.00
C LYS A 170 -3.12 -11.99 -11.09
N HIS A 171 -3.39 -11.23 -12.14
CA HIS A 171 -3.02 -9.81 -12.22
C HIS A 171 -4.26 -8.96 -12.39
N THR A 172 -4.43 -7.97 -11.55
CA THR A 172 -5.63 -7.13 -11.62
C THR A 172 -5.27 -5.76 -12.09
N ILE A 173 -5.97 -5.32 -13.14
CA ILE A 173 -5.73 -3.98 -13.73
C ILE A 173 -6.95 -3.06 -13.61
N ILE A 174 -6.74 -1.86 -13.10
CA ILE A 174 -7.80 -0.88 -13.04
C ILE A 174 -7.40 0.29 -13.92
N ILE A 175 -8.33 0.66 -14.79
CA ILE A 175 -8.16 1.78 -15.66
C ILE A 175 -9.11 2.94 -15.32
N SER A 176 -8.59 4.15 -15.22
CA SER A 176 -9.44 5.26 -14.86
C SER A 176 -9.22 6.44 -15.78
N TRP A 177 -10.27 7.25 -15.92
CA TRP A 177 -10.21 8.37 -16.80
C TRP A 177 -10.79 9.50 -16.08
N GLY A 178 -10.15 10.66 -16.00
CA GLY A 178 -10.78 11.72 -15.21
C GLY A 178 -10.89 11.38 -13.72
N GLY A 179 -10.13 10.39 -13.25
CA GLY A 179 -10.22 9.82 -11.90
C GLY A 179 -11.36 8.86 -11.61
N VAL A 180 -11.90 8.26 -12.66
CA VAL A 180 -13.07 7.44 -12.54
C VAL A 180 -12.89 6.14 -13.29
N ASN A 181 -13.23 5.05 -12.62
CA ASN A 181 -13.10 3.71 -13.20
C ASN A 181 -13.87 3.58 -14.51
N VAL A 182 -13.26 2.88 -15.48
CA VAL A 182 -13.88 2.67 -16.77
C VAL A 182 -14.71 1.38 -16.78
N PRO A 183 -15.74 1.34 -17.60
CA PRO A 183 -16.61 0.16 -17.70
C PRO A 183 -15.81 -1.09 -18.02
N LYS A 184 -16.17 -2.20 -17.37
CA LYS A 184 -15.48 -3.47 -17.59
C LYS A 184 -14.30 -3.62 -16.64
N SER A 185 -13.77 -2.50 -16.17
CA SER A 185 -12.64 -2.51 -15.25
C SER A 185 -13.17 -2.54 -13.80
N PRO A 186 -12.44 -3.18 -12.85
CA PRO A 186 -11.11 -3.82 -12.94
C PRO A 186 -11.11 -5.07 -13.83
N PHE A 187 -9.99 -5.36 -14.48
CA PHE A 187 -9.82 -6.60 -15.27
C PHE A 187 -9.02 -7.65 -14.54
N ARG A 188 -9.66 -8.72 -14.14
CA ARG A 188 -8.90 -9.86 -13.56
C ARG A 188 -8.38 -10.85 -14.61
N VAL A 189 -7.07 -11.02 -14.64
CA VAL A 189 -6.37 -11.72 -15.71
C VAL A 189 -5.57 -12.86 -15.12
N ASN A 190 -5.93 -14.11 -15.43
CA ASN A 190 -5.07 -15.21 -15.02
C ASN A 190 -3.93 -15.33 -15.90
N VAL A 191 -2.77 -15.09 -15.35
CA VAL A 191 -1.61 -15.41 -16.12
C VAL A 191 -1.43 -16.87 -15.84
N GLY A 192 -1.71 -17.68 -16.82
CA GLY A 192 -1.48 -19.07 -16.61
C GLY A 192 -0.03 -19.20 -17.00
N GLU A 193 0.44 -20.44 -17.01
CA GLU A 193 1.57 -20.71 -17.83
C GLU A 193 1.97 -22.13 -17.58
N LYS B 6 4.91 6.22 -8.41
CA LYS B 6 5.87 5.16 -7.95
C LYS B 6 6.81 5.68 -6.82
N VAL B 7 6.17 6.12 -5.75
CA VAL B 7 6.82 6.44 -4.50
C VAL B 7 5.99 5.77 -3.44
N ARG B 8 6.63 5.04 -2.53
CA ARG B 8 5.91 4.22 -1.55
C ARG B 8 6.30 4.64 -0.17
N ALA B 9 5.32 4.76 0.73
CA ALA B 9 5.66 4.97 2.13
C ALA B 9 5.01 3.87 2.87
N TRP B 10 5.67 3.32 3.87
CA TRP B 10 5.09 2.28 4.73
C TRP B 10 5.83 2.19 6.05
N GLY B 11 5.24 1.51 7.02
CA GLY B 11 5.82 1.37 8.37
C GLY B 11 4.95 1.83 9.54
N PRO B 12 5.42 1.64 10.77
CA PRO B 12 4.53 1.86 11.88
C PRO B 12 4.09 3.33 12.07
N GLY B 13 5.01 4.29 11.91
CA GLY B 13 4.71 5.71 12.08
C GLY B 13 3.54 6.25 11.26
N LEU B 14 3.15 5.54 10.19
CA LEU B 14 1.99 5.88 9.39
C LEU B 14 0.71 5.42 10.03
N GLU B 15 0.80 4.75 11.14
CA GLU B 15 -0.38 4.09 11.65
C GLU B 15 -0.59 4.39 13.17
N THR B 16 0.50 4.61 13.88
CA THR B 16 0.51 4.42 15.29
C THR B 16 1.80 4.92 15.91
N GLY B 17 1.84 4.97 17.24
CA GLY B 17 3.08 5.30 17.96
C GLY B 17 2.77 5.70 19.39
N GLN B 18 3.72 6.39 20.02
CA GLN B 18 3.59 6.68 21.44
C GLN B 18 4.22 7.99 21.87
N VAL B 19 3.46 8.81 22.60
CA VAL B 19 3.93 10.11 23.03
C VAL B 19 5.27 9.97 23.67
N GLY B 20 6.28 10.71 23.23
CA GLY B 20 7.62 10.68 23.81
C GLY B 20 8.57 9.71 23.14
N LYS B 21 8.07 8.83 22.30
CA LYS B 21 8.96 8.01 21.49
C LYS B 21 8.86 8.50 20.03
N SER B 22 9.75 8.07 19.15
CA SER B 22 9.63 8.49 17.76
C SER B 22 8.73 7.56 16.96
N ALA B 23 8.08 8.14 15.95
CA ALA B 23 7.15 7.46 15.04
C ALA B 23 7.85 7.40 13.67
N ASP B 24 8.09 6.16 13.20
CA ASP B 24 9.07 5.91 12.16
C ASP B 24 8.42 5.28 11.01
N PHE B 25 8.84 5.63 9.80
CA PHE B 25 8.50 4.84 8.63
C PHE B 25 9.54 4.92 7.52
N VAL B 26 9.25 4.29 6.41
CA VAL B 26 10.18 4.25 5.29
C VAL B 26 9.48 4.82 4.04
N VAL B 27 10.26 5.50 3.20
CA VAL B 27 9.82 6.00 1.92
C VAL B 27 10.82 5.57 0.85
N GLU B 28 10.29 4.89 -0.16
CA GLU B 28 11.01 4.40 -1.32
C GLU B 28 10.57 5.18 -2.56
N ALA B 29 11.54 5.71 -3.27
CA ALA B 29 11.29 6.41 -4.52
C ALA B 29 11.91 5.65 -5.71
N ILE B 30 11.12 5.44 -6.76
CA ILE B 30 11.58 4.73 -7.94
C ILE B 30 11.63 5.65 -9.16
N GLY B 31 10.85 6.72 -9.11
CA GLY B 31 10.81 7.67 -10.21
C GLY B 31 11.72 8.86 -9.98
N THR B 32 11.26 9.82 -9.18
CA THR B 32 12.03 11.02 -8.88
C THR B 32 13.02 10.76 -7.75
N GLU B 33 13.94 11.71 -7.55
CA GLU B 33 14.96 11.60 -6.47
C GLU B 33 14.35 11.73 -5.06
N VAL B 34 15.08 11.32 -4.01
CA VAL B 34 14.49 11.25 -2.63
C VAL B 34 14.27 12.60 -1.94
N GLY B 35 15.19 13.55 -2.11
CA GLY B 35 14.95 14.94 -1.71
C GLY B 35 13.88 15.73 -2.50
N THR B 36 13.32 15.18 -3.60
CA THR B 36 12.15 15.78 -4.34
C THR B 36 10.81 15.81 -3.56
N LEU B 37 10.83 15.19 -2.37
CA LEU B 37 9.63 14.90 -1.60
C LEU B 37 9.50 15.85 -0.43
N GLY B 38 8.24 16.11 -0.08
CA GLY B 38 7.92 16.92 1.09
C GLY B 38 7.16 16.09 2.10
N PHE B 39 7.16 16.57 3.33
CA PHE B 39 6.38 15.96 4.39
C PHE B 39 5.73 17.07 5.12
N SER B 40 4.51 16.82 5.56
CA SER B 40 3.99 17.62 6.64
C SER B 40 3.10 16.83 7.55
N ILE B 41 2.87 17.40 8.73
CA ILE B 41 2.19 16.77 9.81
C ILE B 41 1.05 17.68 10.24
N GLU B 42 -0.15 17.12 10.32
CA GLU B 42 -1.27 17.80 10.98
C GLU B 42 -1.65 17.03 12.23
N GLY B 43 -1.74 17.73 13.35
CA GLY B 43 -2.19 17.08 14.58
C GLY B 43 -2.11 17.96 15.82
N PRO B 44 -2.33 17.35 16.99
CA PRO B 44 -2.39 18.13 18.19
C PRO B 44 -1.05 18.59 18.69
N SER B 45 0.04 18.27 18.01
CA SER B 45 1.32 18.86 18.38
C SER B 45 2.02 19.29 17.11
N GLN B 46 2.80 20.35 17.20
CA GLN B 46 3.50 20.87 16.04
C GLN B 46 4.79 20.07 15.83
N ALA B 47 4.64 18.87 15.27
CA ALA B 47 5.72 17.94 15.20
C ALA B 47 6.65 18.18 13.99
N LYS B 48 7.95 18.29 14.28
CA LYS B 48 8.95 18.37 13.24
C LYS B 48 9.22 16.97 12.70
N ILE B 49 9.69 16.92 11.46
CA ILE B 49 9.70 15.68 10.70
C ILE B 49 10.93 15.48 9.79
N GLU B 50 11.92 14.77 10.29
CA GLU B 50 13.22 14.68 9.61
C GLU B 50 13.38 13.42 8.71
N CYS B 51 13.47 13.67 7.40
CA CYS B 51 13.85 12.67 6.40
C CYS B 51 15.35 12.38 6.41
N ASP B 52 15.73 11.12 6.36
CA ASP B 52 17.14 10.76 6.49
C ASP B 52 17.51 9.81 5.35
N ASP B 53 18.06 10.40 4.29
CA ASP B 53 18.38 9.70 3.03
C ASP B 53 19.40 8.59 3.19
N LYS B 54 19.05 7.39 2.76
CA LYS B 54 19.98 6.24 2.86
C LYS B 54 20.81 5.98 1.59
N GLY B 55 20.68 6.83 0.58
CA GLY B 55 21.51 6.72 -0.62
C GLY B 55 21.11 5.69 -1.67
N ASP B 56 20.33 4.69 -1.28
CA ASP B 56 19.96 3.64 -2.19
C ASP B 56 18.58 3.87 -2.86
N GLY B 57 18.07 5.12 -2.82
CA GLY B 57 16.72 5.42 -3.31
C GLY B 57 15.62 5.31 -2.25
N SER B 58 16.01 5.28 -0.99
CA SER B 58 15.03 5.24 0.10
C SER B 58 15.47 6.11 1.28
N CYS B 59 14.52 6.40 2.15
CA CYS B 59 14.88 7.02 3.42
C CYS B 59 14.12 6.55 4.67
N ASP B 60 14.75 6.77 5.81
CA ASP B 60 14.12 6.61 7.08
C ASP B 60 13.51 7.96 7.46
N VAL B 61 12.19 8.00 7.59
CA VAL B 61 11.52 9.22 8.01
C VAL B 61 11.09 8.98 9.44
N ARG B 62 11.17 10.01 10.27
CA ARG B 62 10.62 9.91 11.61
C ARG B 62 10.21 11.23 12.21
N TYR B 63 9.11 11.24 12.94
CA TYR B 63 8.66 12.43 13.60
C TYR B 63 8.49 12.15 15.10
N TRP B 64 8.28 13.20 15.87
CA TRP B 64 8.23 13.13 17.29
C TRP B 64 6.98 13.75 17.80
N PRO B 65 5.94 12.97 17.98
CA PRO B 65 4.71 13.46 18.52
C PRO B 65 4.76 13.62 20.03
N THR B 66 4.35 14.78 20.48
CA THR B 66 4.44 15.12 21.88
C THR B 66 3.07 15.16 22.56
N GLU B 67 2.04 14.75 21.83
CA GLU B 67 0.66 14.78 22.32
C GLU B 67 -0.12 13.58 21.79
N PRO B 68 -0.92 12.91 22.62
CA PRO B 68 -1.70 11.76 22.12
C PRO B 68 -2.74 12.20 21.08
N GLY B 69 -3.23 11.28 20.25
CA GLY B 69 -4.28 11.63 19.30
C GLY B 69 -4.02 11.35 17.82
N GLU B 70 -4.83 11.96 16.97
CA GLU B 70 -4.83 11.62 15.58
C GLU B 70 -4.06 12.63 14.73
N TYR B 71 -3.00 12.17 14.08
CA TYR B 71 -2.17 13.00 13.24
C TYR B 71 -2.38 12.58 11.78
N ALA B 72 -2.30 13.54 10.87
CA ALA B 72 -2.33 13.21 9.47
C ALA B 72 -0.95 13.43 8.90
N VAL B 73 -0.39 12.36 8.33
CA VAL B 73 0.95 12.44 7.75
C VAL B 73 0.84 12.59 6.25
N HIS B 74 1.37 13.67 5.70
CA HIS B 74 1.36 13.88 4.26
C HIS B 74 2.73 13.58 3.67
N VAL B 75 2.75 12.77 2.62
CA VAL B 75 3.93 12.52 1.80
C VAL B 75 3.64 13.05 0.37
N ILE B 76 4.38 14.09 -0.04
CA ILE B 76 4.15 14.87 -1.26
C ILE B 76 5.20 14.61 -2.34
N CYS B 77 4.74 14.40 -3.58
CA CYS B 77 5.60 14.34 -4.75
C CYS B 77 5.09 15.36 -5.76
N ASP B 78 5.84 16.43 -6.00
CA ASP B 78 5.39 17.57 -6.85
C ASP B 78 4.00 18.11 -6.45
N ASP B 79 3.91 18.57 -5.19
CA ASP B 79 2.75 19.32 -4.65
C ASP B 79 1.40 18.60 -4.54
N GLU B 80 1.44 17.31 -4.84
CA GLU B 80 0.28 16.49 -4.73
C GLU B 80 0.63 15.33 -3.77
N ASP B 81 -0.34 14.95 -2.93
CA ASP B 81 -0.26 13.68 -2.18
C ASP B 81 0.02 12.41 -3.05
N ILE B 82 1.01 11.62 -2.64
CA ILE B 82 1.22 10.30 -3.22
C ILE B 82 0.00 9.44 -2.92
N ARG B 83 -0.07 8.28 -3.55
CA ARG B 83 -1.18 7.35 -3.35
C ARG B 83 -1.27 6.91 -1.90
N ASP B 84 -2.46 7.04 -1.32
CA ASP B 84 -2.70 6.65 0.07
C ASP B 84 -2.68 7.86 0.99
N SER B 85 -1.70 8.73 0.80
CA SER B 85 -1.56 9.91 1.61
C SER B 85 -2.79 10.84 1.61
N PRO B 86 -3.01 11.53 2.72
CA PRO B 86 -2.07 11.33 3.83
C PRO B 86 -2.56 10.25 4.80
N PHE B 87 -1.63 9.56 5.43
CA PHE B 87 -1.97 8.51 6.39
C PHE B 87 -2.44 9.09 7.71
N ILE B 88 -3.47 8.49 8.29
CA ILE B 88 -4.01 8.94 9.55
C ILE B 88 -3.48 8.00 10.65
N ALA B 89 -2.58 8.52 11.48
CA ALA B 89 -1.93 7.75 12.54
C ALA B 89 -2.52 8.14 13.87
N HIS B 90 -2.82 7.16 14.73
CA HIS B 90 -3.34 7.47 16.09
C HIS B 90 -2.24 7.23 17.09
N ILE B 91 -1.73 8.31 17.71
CA ILE B 91 -0.61 8.19 18.64
C ILE B 91 -1.16 7.92 20.05
N LEU B 92 -0.50 7.07 20.82
CA LEU B 92 -1.02 6.70 22.13
C LEU B 92 -0.21 7.33 23.25
N PRO B 93 -0.81 7.52 24.41
CA PRO B 93 0.00 7.94 25.57
C PRO B 93 1.03 6.87 25.92
N ALA B 94 2.20 7.28 26.39
CA ALA B 94 3.25 6.31 26.75
C ALA B 94 2.82 5.34 27.88
N PRO B 95 2.71 4.02 27.60
CA PRO B 95 2.35 3.14 28.71
C PRO B 95 3.55 3.03 29.64
N PRO B 96 3.28 2.90 30.96
CA PRO B 96 4.42 2.85 31.91
C PRO B 96 5.15 1.50 31.91
N ASP B 97 4.66 0.52 31.13
CA ASP B 97 5.23 -0.86 31.14
C ASP B 97 5.68 -1.39 29.74
N CYS B 98 5.98 -0.49 28.80
CA CYS B 98 6.33 -0.88 27.47
C CYS B 98 7.71 -0.29 27.12
N PHE B 99 8.63 -1.13 26.62
CA PHE B 99 10.00 -0.66 26.39
C PHE B 99 10.57 -1.05 25.05
N PRO B 100 10.15 -0.33 23.99
CA PRO B 100 10.51 -0.72 22.66
C PRO B 100 12.01 -0.71 22.42
N ASP B 101 12.73 0.20 23.06
CA ASP B 101 14.18 0.36 22.93
C ASP B 101 14.96 -0.83 23.48
N LYS B 102 14.29 -1.64 24.30
CA LYS B 102 14.91 -2.82 24.92
C LYS B 102 14.72 -4.05 24.03
N VAL B 103 13.92 -3.96 22.98
CA VAL B 103 13.78 -5.10 22.09
C VAL B 103 15.11 -5.28 21.35
N LYS B 104 15.57 -6.51 21.23
CA LYS B 104 16.73 -6.74 20.40
C LYS B 104 16.48 -7.80 19.33
N ALA B 105 16.90 -7.51 18.11
CA ALA B 105 16.59 -8.34 16.97
C ALA B 105 17.88 -8.63 16.25
N PHE B 106 18.05 -9.85 15.85
CA PHE B 106 19.30 -10.18 15.20
C PHE B 106 19.21 -11.53 14.48
N GLY B 107 20.14 -11.75 13.55
CA GLY B 107 20.14 -12.98 12.79
C GLY B 107 20.59 -12.79 11.36
N PRO B 108 21.01 -13.88 10.71
CA PRO B 108 21.39 -13.76 9.29
C PRO B 108 20.34 -13.03 8.45
N GLY B 109 19.05 -13.30 8.66
CA GLY B 109 17.99 -12.69 7.86
C GLY B 109 17.80 -11.17 8.00
N LEU B 110 18.58 -10.56 8.87
CA LEU B 110 18.55 -9.11 9.07
C LEU B 110 19.88 -8.44 8.80
N GLU B 111 20.85 -9.21 8.32
CA GLU B 111 22.18 -8.71 7.97
C GLU B 111 22.17 -8.01 6.64
N PRO B 112 22.98 -6.95 6.50
CA PRO B 112 23.02 -6.23 5.22
C PRO B 112 23.34 -7.15 4.05
N THR B 113 24.02 -8.26 4.36
CA THR B 113 24.78 -9.02 3.38
C THR B 113 24.74 -10.49 3.74
N GLY B 114 24.65 -11.36 2.79
CA GLY B 114 24.69 -12.76 3.09
C GLY B 114 23.50 -13.58 2.71
N CYS B 115 22.40 -12.94 2.46
CA CYS B 115 21.17 -13.64 2.31
C CYS B 115 20.94 -14.21 0.93
N ILE B 116 20.63 -15.50 0.88
CA ILE B 116 20.43 -16.19 -0.40
C ILE B 116 18.99 -16.12 -0.87
N VAL B 117 18.79 -16.33 -2.15
CA VAL B 117 17.46 -16.34 -2.74
C VAL B 117 16.92 -17.73 -2.68
N ASP B 118 15.68 -17.89 -2.31
CA ASP B 118 15.06 -19.18 -2.38
C ASP B 118 15.46 -20.01 -1.22
N LYS B 119 16.31 -19.44 -0.38
CA LYS B 119 16.70 -20.06 0.87
C LYS B 119 16.15 -19.27 2.01
N PRO B 120 15.95 -19.91 3.14
CA PRO B 120 15.31 -19.32 4.28
C PRO B 120 16.14 -18.36 5.00
N ALA B 121 15.59 -17.19 5.19
CA ALA B 121 16.25 -16.09 5.88
C ALA B 121 15.74 -16.07 7.30
N GLU B 122 16.64 -16.28 8.28
CA GLU B 122 16.20 -16.51 9.65
C GLU B 122 16.71 -15.47 10.61
N PHE B 123 15.87 -15.09 11.59
CA PHE B 123 16.30 -14.24 12.69
C PHE B 123 15.49 -14.44 13.95
N THR B 124 15.99 -13.89 15.05
CA THR B 124 15.22 -14.00 16.26
C THR B 124 14.88 -12.63 16.85
N ILE B 125 13.79 -12.58 17.61
CA ILE B 125 13.46 -11.37 18.27
C ILE B 125 13.43 -11.65 19.74
N ASP B 126 14.19 -10.90 20.49
CA ASP B 126 14.14 -11.03 21.93
C ASP B 126 13.43 -9.83 22.59
N ALA B 127 12.19 -10.03 23.06
CA ALA B 127 11.51 -8.99 23.83
C ALA B 127 11.48 -9.18 25.32
N ARG B 128 12.32 -10.05 25.86
CA ARG B 128 12.26 -10.28 27.31
C ARG B 128 12.49 -9.04 28.22
N ALA B 129 13.34 -8.10 27.77
CA ALA B 129 13.52 -6.75 28.42
C ALA B 129 12.43 -5.68 28.07
N ALA B 130 11.44 -6.03 27.25
CA ALA B 130 10.61 -5.01 26.61
C ALA B 130 9.23 -4.72 27.22
N GLY B 131 8.85 -5.48 28.24
CA GLY B 131 7.57 -5.30 28.90
C GLY B 131 6.40 -5.64 28.00
N LYS B 132 5.22 -5.19 28.38
CA LYS B 132 4.02 -5.52 27.67
C LYS B 132 3.85 -4.77 26.35
N GLY B 133 3.75 -5.52 25.26
CA GLY B 133 3.54 -4.91 23.93
C GLY B 133 3.11 -5.88 22.87
N ASP B 134 2.61 -5.36 21.73
CA ASP B 134 2.30 -6.15 20.53
C ASP B 134 3.48 -6.23 19.54
N LEU B 135 3.77 -7.40 19.02
CA LEU B 135 4.77 -7.49 17.98
C LEU B 135 4.16 -7.29 16.64
N LYS B 136 4.72 -6.41 15.82
CA LYS B 136 4.19 -6.20 14.48
C LYS B 136 5.35 -5.91 13.59
N LEU B 137 5.39 -6.65 12.48
CA LEU B 137 6.48 -6.53 11.51
C LEU B 137 5.92 -6.02 10.22
N TYR B 138 6.62 -5.07 9.57
CA TYR B 138 6.26 -4.61 8.21
C TYR B 138 7.45 -4.90 7.34
N ALA B 139 7.19 -5.31 6.12
CA ALA B 139 8.27 -5.81 5.28
C ALA B 139 7.94 -5.76 3.80
N GLN B 140 8.87 -5.20 3.04
CA GLN B 140 8.70 -5.05 1.61
C GLN B 140 10.00 -5.14 0.88
N ASP B 141 9.95 -5.78 -0.30
CA ASP B 141 11.10 -5.72 -1.24
C ASP B 141 11.13 -4.39 -2.04
N ALA B 142 12.20 -4.15 -2.77
CA ALA B 142 12.37 -2.89 -3.49
C ALA B 142 11.45 -2.75 -4.71
N ASP B 143 10.86 -3.85 -5.16
CA ASP B 143 9.89 -3.74 -6.19
C ASP B 143 8.56 -3.35 -5.59
N GLY B 144 8.52 -3.02 -4.30
CA GLY B 144 7.27 -2.79 -3.58
C GLY B 144 6.44 -3.99 -3.11
N CYS B 145 6.90 -5.22 -3.30
CA CYS B 145 6.08 -6.40 -2.87
C CYS B 145 6.17 -6.76 -1.40
N PRO B 146 5.02 -6.99 -0.75
CA PRO B 146 4.97 -7.44 0.64
C PRO B 146 5.75 -8.72 0.81
N ILE B 147 6.52 -8.80 1.89
CA ILE B 147 7.22 -10.03 2.26
C ILE B 147 6.57 -10.66 3.45
N ASP B 148 6.13 -11.90 3.29
CA ASP B 148 5.51 -12.69 4.37
C ASP B 148 6.49 -13.31 5.38
N ILE B 149 6.44 -12.83 6.61
CA ILE B 149 7.36 -13.33 7.61
C ILE B 149 6.67 -14.29 8.57
N LYS B 150 7.18 -15.52 8.62
CA LYS B 150 6.77 -16.47 9.66
C LYS B 150 7.28 -15.98 11.04
N VAL B 151 6.37 -15.88 11.99
CA VAL B 151 6.79 -15.50 13.32
C VAL B 151 6.21 -16.47 14.34
N ILE B 152 7.09 -17.30 14.93
CA ILE B 152 6.66 -18.23 15.97
C ILE B 152 7.17 -17.86 17.36
N PRO B 153 6.27 -17.50 18.25
CA PRO B 153 6.73 -17.21 19.61
C PRO B 153 7.19 -18.50 20.27
N ASN B 154 8.39 -18.49 20.83
CA ASN B 154 8.87 -19.64 21.55
C ASN B 154 8.11 -19.84 22.87
N GLY B 155 7.55 -18.72 23.39
CA GLY B 155 6.82 -18.68 24.65
C GLY B 155 7.52 -17.86 25.70
N ASP B 156 8.85 -17.87 25.66
CA ASP B 156 9.64 -17.22 26.71
C ASP B 156 9.92 -15.74 26.47
N GLY B 157 9.29 -15.17 25.46
CA GLY B 157 9.50 -13.76 25.13
C GLY B 157 10.45 -13.60 23.97
N THR B 158 10.56 -14.65 23.16
CA THR B 158 11.58 -14.82 22.17
C THR B 158 10.83 -15.34 20.98
N PHE B 159 11.31 -15.06 19.76
CA PHE B 159 10.53 -15.39 18.54
C PHE B 159 11.39 -15.89 17.42
N ARG B 160 11.03 -17.01 16.79
CA ARG B 160 11.72 -17.47 15.54
C ARG B 160 11.03 -16.93 14.31
N CYS B 161 11.74 -16.18 13.52
CA CYS B 161 11.15 -15.67 12.32
C CYS B 161 11.91 -16.17 11.12
N SER B 162 11.22 -16.17 9.98
CA SER B 162 11.82 -16.50 8.69
C SER B 162 10.99 -16.00 7.52
N TYR B 163 11.70 -15.86 6.41
CA TYR B 163 11.11 -15.58 5.13
C TYR B 163 11.96 -16.18 3.98
N VAL B 164 11.33 -16.50 2.86
CA VAL B 164 12.15 -16.91 1.70
C VAL B 164 12.12 -15.82 0.64
N PRO B 165 13.24 -15.10 0.51
CA PRO B 165 13.32 -14.05 -0.49
C PRO B 165 13.28 -14.70 -1.84
N THR B 166 12.70 -13.99 -2.77
CA THR B 166 12.37 -14.58 -4.05
C THR B 166 13.15 -14.04 -5.24
N LYS B 167 13.88 -12.95 -5.02
CA LYS B 167 14.61 -12.21 -6.02
C LYS B 167 15.83 -11.57 -5.39
N PRO B 168 16.93 -11.45 -6.16
CA PRO B 168 18.16 -10.91 -5.61
C PRO B 168 18.13 -9.41 -5.44
N ILE B 169 17.12 -8.90 -4.73
CA ILE B 169 17.00 -7.45 -4.53
C ILE B 169 16.85 -7.10 -3.05
N LYS B 170 17.04 -5.84 -2.71
CA LYS B 170 16.88 -5.40 -1.32
C LYS B 170 15.54 -5.81 -0.73
N HIS B 171 15.58 -6.28 0.51
CA HIS B 171 14.38 -6.53 1.31
C HIS B 171 14.46 -5.67 2.55
N THR B 172 13.43 -4.88 2.82
CA THR B 172 13.43 -4.03 4.00
C THR B 172 12.43 -4.52 5.02
N ILE B 173 12.88 -4.71 6.26
CA ILE B 173 12.06 -5.24 7.37
C ILE B 173 11.95 -4.20 8.47
N ILE B 174 10.73 -3.95 8.93
CA ILE B 174 10.57 -3.08 10.08
C ILE B 174 9.96 -3.87 11.20
N ILE B 175 10.56 -3.82 12.38
CA ILE B 175 10.06 -4.54 13.54
C ILE B 175 9.71 -3.57 14.66
N SER B 176 8.42 -3.48 14.93
CA SER B 176 7.75 -2.63 15.92
C SER B 176 7.33 -3.33 17.23
N TRP B 177 7.21 -2.60 18.33
CA TRP B 177 6.80 -3.15 19.62
C TRP B 177 5.58 -2.52 20.24
N GLY B 178 5.66 -1.41 20.91
CA GLY B 178 4.37 -0.78 21.19
C GLY B 178 3.94 0.06 20.01
N GLY B 179 3.85 -0.56 18.85
CA GLY B 179 3.54 0.14 17.62
C GLY B 179 4.69 1.09 17.38
N VAL B 180 5.83 0.77 17.97
CA VAL B 180 6.98 1.65 17.95
C VAL B 180 8.23 0.93 17.43
N ASN B 181 8.83 1.54 16.42
CA ASN B 181 10.00 1.04 15.75
C ASN B 181 11.15 0.74 16.71
N VAL B 182 11.75 -0.40 16.51
CA VAL B 182 12.60 -0.96 17.53
C VAL B 182 13.99 -0.51 17.16
N PRO B 183 14.91 -0.53 18.11
CA PRO B 183 16.30 -0.12 17.86
C PRO B 183 17.00 -1.06 16.88
N LYS B 184 17.56 -0.50 15.81
CA LYS B 184 18.26 -1.28 14.81
C LYS B 184 17.36 -1.59 13.61
N SER B 185 16.18 -0.97 13.60
CA SER B 185 15.21 -1.18 12.49
C SER B 185 14.88 0.17 11.86
N PRO B 186 14.62 0.24 10.54
CA PRO B 186 14.35 -0.81 9.55
C PRO B 186 15.62 -1.50 9.21
N PHE B 187 15.54 -2.78 8.85
CA PHE B 187 16.71 -3.57 8.40
C PHE B 187 16.71 -3.73 6.88
N ARG B 188 17.72 -3.15 6.23
CA ARG B 188 17.85 -3.31 4.80
C ARG B 188 18.81 -4.43 4.59
N VAL B 189 18.32 -5.43 3.88
CA VAL B 189 18.99 -6.68 3.65
C VAL B 189 19.10 -6.86 2.15
N ASN B 190 20.33 -6.90 1.62
CA ASN B 190 20.56 -7.35 0.23
C ASN B 190 20.43 -8.82 0.09
N VAL B 191 19.42 -9.25 -0.62
CA VAL B 191 19.43 -10.64 -1.00
C VAL B 191 20.24 -10.65 -2.26
N GLY B 192 21.43 -11.15 -2.15
CA GLY B 192 22.18 -11.27 -3.38
C GLY B 192 21.78 -12.64 -3.85
N GLU B 193 22.50 -13.14 -4.82
CA GLU B 193 22.48 -14.54 -4.90
C GLU B 193 23.43 -14.95 -5.98
#